data_8U2F
#
_entry.id   8U2F
#
_cell.length_a   53.850
_cell.length_b   58.330
_cell.length_c   89.680
_cell.angle_alpha   90.000
_cell.angle_beta   90.000
_cell.angle_gamma   90.000
#
_symmetry.space_group_name_H-M   'P 21 21 21'
#
loop_
_entity.id
_entity.type
_entity.pdbx_description
1 polymer 'Transmembrane regulatory protein ToxS'
2 water water
#
_entity_poly.entity_id   1
_entity_poly.type   'polypeptide(L)'
_entity_poly.pdbx_seq_one_letter_code
;MSDLKVEQVLTSNEWQSTMVTVITDNLPDDTVGPLRRVNVESNVKYLPNGDYIRVSNIKLFAQGSTAESTINISEKGRWE
VSDNYLLVSPSEFKDISSSQSKDFSEAQLRLITQIFKLDAEQSRRIDVVNEKTLLLTSLNHGSTVLFRN
;
_entity_poly.pdbx_strand_id   A,B
#
# COMPACT_ATOMS: atom_id res chain seq x y z
N MET A 1 -2.62 -15.45 -11.43
CA MET A 1 -3.77 -16.35 -11.36
C MET A 1 -4.92 -15.86 -12.25
N SER A 2 -5.85 -16.76 -12.57
CA SER A 2 -6.94 -16.45 -13.47
C SER A 2 -7.97 -15.54 -12.80
N ASP A 3 -8.76 -14.85 -13.63
CA ASP A 3 -9.81 -13.96 -13.11
C ASP A 3 -10.83 -14.71 -12.26
N LEU A 4 -11.18 -15.95 -12.63
CA LEU A 4 -12.11 -16.71 -11.77
C LEU A 4 -11.45 -17.17 -10.48
N LYS A 5 -10.15 -17.47 -10.49
CA LYS A 5 -9.47 -17.74 -9.24
C LYS A 5 -9.48 -16.49 -8.36
N VAL A 6 -9.22 -15.32 -8.95
CA VAL A 6 -9.24 -14.09 -8.19
C VAL A 6 -10.62 -13.85 -7.62
N GLU A 7 -11.67 -14.14 -8.40
CA GLU A 7 -13.02 -13.95 -7.91
C GLU A 7 -13.31 -14.86 -6.73
N GLN A 8 -12.83 -16.10 -6.78
CA GLN A 8 -13.06 -17.02 -5.67
C GLN A 8 -12.30 -16.60 -4.43
N VAL A 9 -11.07 -16.10 -4.59
CA VAL A 9 -10.35 -15.57 -3.43
C VAL A 9 -11.17 -14.46 -2.77
N LEU A 10 -11.75 -13.58 -3.57
CA LEU A 10 -12.46 -12.44 -2.98
C LEU A 10 -13.74 -12.87 -2.29
N THR A 11 -14.46 -13.84 -2.86
CA THR A 11 -15.76 -14.21 -2.32
C THR A 11 -15.71 -15.29 -1.24
N SER A 12 -14.57 -15.93 -1.04
CA SER A 12 -14.48 -17.05 -0.09
C SER A 12 -14.39 -16.62 1.37
N ASN A 13 -14.13 -15.34 1.64
CA ASN A 13 -14.04 -14.83 3.00
C ASN A 13 -14.43 -13.36 2.95
N GLU A 14 -14.76 -12.82 4.11
CA GLU A 14 -14.90 -11.38 4.24
C GLU A 14 -13.54 -10.75 4.51
N TRP A 15 -13.43 -9.45 4.22
CA TRP A 15 -12.16 -8.77 4.26
C TRP A 15 -12.22 -7.49 5.06
N GLN A 16 -11.08 -7.13 5.65
CA GLN A 16 -10.85 -5.80 6.17
C GLN A 16 -9.87 -5.06 5.25
N SER A 17 -9.99 -3.74 5.20
CA SER A 17 -9.04 -2.96 4.41
C SER A 17 -8.57 -1.73 5.17
N THR A 18 -7.39 -1.27 4.78
CA THR A 18 -6.73 -0.07 5.31
C THR A 18 -6.14 0.72 4.15
N MET A 19 -6.41 2.02 4.14
CA MET A 19 -5.81 2.94 3.19
C MET A 19 -5.40 4.19 3.95
N VAL A 20 -4.17 4.64 3.77
CA VAL A 20 -3.68 5.84 4.44
C VAL A 20 -3.34 6.87 3.37
N THR A 21 -3.79 8.10 3.57
CA THR A 21 -3.42 9.23 2.70
C THR A 21 -2.74 10.29 3.56
N VAL A 22 -1.49 10.59 3.24
CA VAL A 22 -0.76 11.67 3.91
C VAL A 22 -1.10 12.98 3.21
N ILE A 23 -1.54 13.98 3.99
CA ILE A 23 -2.02 15.22 3.40
C ILE A 23 -0.94 16.29 3.52
N THR A 24 -0.46 16.54 4.74
CA THR A 24 0.70 17.41 4.98
C THR A 24 1.86 16.62 5.60
N ASP A 25 3.01 17.28 5.64
CA ASP A 25 4.27 16.65 6.01
C ASP A 25 5.15 17.56 6.86
N ASN A 26 4.75 18.79 7.15
CA ASN A 26 5.62 19.79 7.74
C ASN A 26 5.46 19.94 9.26
N PRO A 34 -5.24 22.21 10.28
CA PRO A 34 -5.26 21.68 8.91
C PRO A 34 -5.11 20.16 8.89
N LEU A 35 -5.76 19.51 7.93
CA LEU A 35 -5.83 18.05 7.88
C LEU A 35 -4.47 17.48 7.49
N ARG A 36 -3.91 16.62 8.36
CA ARG A 36 -2.58 16.06 8.15
C ARG A 36 -2.59 14.69 7.50
N ARG A 37 -3.60 13.88 7.76
CA ARG A 37 -3.61 12.52 7.29
C ARG A 37 -5.02 11.95 7.42
N VAL A 38 -5.36 11.04 6.53
CA VAL A 38 -6.64 10.33 6.56
C VAL A 38 -6.33 8.84 6.57
N ASN A 39 -6.92 8.11 7.52
CA ASN A 39 -6.88 6.65 7.59
C ASN A 39 -8.27 6.12 7.33
N VAL A 40 -8.44 5.29 6.32
CA VAL A 40 -9.73 4.64 6.04
C VAL A 40 -9.64 3.17 6.43
N GLU A 41 -10.45 2.74 7.40
CA GLU A 41 -10.54 1.34 7.80
C GLU A 41 -11.92 0.81 7.46
N SER A 42 -11.97 -0.32 6.75
CA SER A 42 -13.22 -0.84 6.21
C SER A 42 -13.40 -2.31 6.53
N ASN A 43 -14.66 -2.74 6.46
CA ASN A 43 -15.04 -4.14 6.32
C ASN A 43 -15.79 -4.27 5.00
N VAL A 44 -15.43 -5.27 4.19
CA VAL A 44 -16.02 -5.42 2.87
C VAL A 44 -16.38 -6.88 2.63
N LYS A 45 -17.52 -7.11 2.00
CA LYS A 45 -17.98 -8.44 1.62
C LYS A 45 -18.31 -8.43 0.13
N TYR A 46 -17.62 -9.27 -0.63
CA TYR A 46 -17.86 -9.43 -2.06
C TYR A 46 -18.75 -10.64 -2.31
N LEU A 47 -19.92 -10.42 -2.82
CA LEU A 47 -20.77 -11.57 -3.06
C LEU A 47 -20.61 -12.08 -4.49
N PRO A 48 -20.76 -13.39 -4.72
CA PRO A 48 -20.56 -13.94 -6.06
C PRO A 48 -21.59 -13.47 -7.08
N ASN A 49 -22.69 -12.87 -6.66
CA ASN A 49 -23.67 -12.34 -7.61
C ASN A 49 -23.26 -10.97 -8.14
N GLY A 50 -22.02 -10.55 -7.88
CA GLY A 50 -21.54 -9.27 -8.36
C GLY A 50 -21.85 -8.09 -7.49
N ASP A 51 -22.55 -8.28 -6.37
CA ASP A 51 -22.80 -7.23 -5.39
C ASP A 51 -21.72 -7.22 -4.32
N TYR A 52 -21.50 -6.04 -3.74
CA TYR A 52 -20.64 -5.94 -2.57
C TYR A 52 -21.27 -4.96 -1.59
N ILE A 53 -20.90 -5.12 -0.32
CA ILE A 53 -21.28 -4.22 0.75
C ILE A 53 -20.00 -3.85 1.50
N ARG A 54 -19.85 -2.57 1.84
CA ARG A 54 -18.64 -2.06 2.44
C ARG A 54 -18.99 -1.00 3.47
N VAL A 55 -18.46 -1.12 4.67
CA VAL A 55 -18.66 -0.16 5.75
C VAL A 55 -17.30 0.39 6.13
N SER A 56 -17.13 1.70 6.03
CA SER A 56 -15.83 2.35 6.22
C SER A 56 -15.86 3.33 7.37
N ASN A 57 -14.78 3.31 8.17
CA ASN A 57 -14.51 4.33 9.17
C ASN A 57 -13.41 5.24 8.62
N ILE A 58 -13.76 6.50 8.34
CA ILE A 58 -12.82 7.50 7.84
C ILE A 58 -12.27 8.29 9.01
N LYS A 59 -11.01 8.07 9.36
CA LYS A 59 -10.39 8.68 10.52
C LYS A 59 -9.58 9.89 10.08
N LEU A 60 -9.88 11.05 10.65
CA LEU A 60 -9.27 12.31 10.25
C LEU A 60 -8.36 12.82 11.36
N PHE A 61 -7.12 13.17 11.01
CA PHE A 61 -6.12 13.66 11.96
C PHE A 61 -5.67 15.03 11.51
N ALA A 62 -6.02 16.05 12.27
CA ALA A 62 -5.50 17.39 12.05
C ALA A 62 -4.54 17.71 13.19
N GLN A 63 -3.40 18.31 12.87
CA GLN A 63 -2.47 18.67 13.92
C GLN A 63 -3.06 19.75 14.81
N GLY A 64 -3.02 19.54 16.12
CA GLY A 64 -3.60 20.47 17.07
C GLY A 64 -5.11 20.42 17.23
N GLU A 68 -8.80 13.79 17.16
CA GLU A 68 -9.19 12.84 16.13
C GLU A 68 -10.71 12.72 15.99
N SER A 69 -11.18 12.73 14.73
CA SER A 69 -12.60 12.68 14.40
C SER A 69 -12.85 11.59 13.36
N THR A 70 -14.08 11.07 13.32
CA THR A 70 -14.38 9.89 12.50
C THR A 70 -15.71 10.00 11.76
N ILE A 71 -15.68 9.66 10.47
CA ILE A 71 -16.86 9.56 9.63
C ILE A 71 -17.11 8.09 9.33
N ASN A 72 -18.32 7.61 9.58
CA ASN A 72 -18.73 6.24 9.28
C ASN A 72 -19.62 6.25 8.05
N ILE A 73 -19.28 5.41 7.07
CA ILE A 73 -19.94 5.38 5.78
C ILE A 73 -20.32 3.94 5.44
N SER A 74 -21.58 3.73 5.07
CA SER A 74 -22.05 2.45 4.54
C SER A 74 -22.20 2.59 3.03
N GLU A 75 -21.82 1.55 2.30
CA GLU A 75 -21.68 1.63 0.86
C GLU A 75 -22.13 0.31 0.24
N LYS A 76 -22.81 0.40 -0.90
CA LYS A 76 -23.19 -0.78 -1.64
C LYS A 76 -22.93 -0.54 -3.12
N GLY A 77 -22.69 -1.63 -3.84
CA GLY A 77 -22.52 -1.51 -5.28
C GLY A 77 -22.24 -2.83 -5.95
N ARG A 78 -21.66 -2.72 -7.13
CA ARG A 78 -21.29 -3.82 -8.01
C ARG A 78 -19.78 -3.85 -8.15
N TRP A 79 -19.23 -5.05 -8.33
CA TRP A 79 -17.79 -5.25 -8.46
C TRP A 79 -17.54 -6.26 -9.56
N GLU A 80 -16.31 -6.28 -10.05
CA GLU A 80 -15.93 -7.20 -11.11
C GLU A 80 -14.41 -7.35 -11.10
N VAL A 81 -13.93 -8.50 -11.57
CA VAL A 81 -12.51 -8.73 -11.77
C VAL A 81 -12.27 -8.87 -13.27
N SER A 82 -11.32 -8.10 -13.79
CA SER A 82 -10.97 -8.14 -15.21
C SER A 82 -9.47 -7.92 -15.34
N ASP A 83 -8.76 -8.91 -15.88
CA ASP A 83 -7.31 -8.84 -16.07
C ASP A 83 -6.56 -8.57 -14.76
N ASN A 84 -6.94 -9.27 -13.68
CA ASN A 84 -6.39 -9.10 -12.34
C ASN A 84 -6.62 -7.71 -11.77
N TYR A 85 -7.58 -6.96 -12.30
CA TYR A 85 -7.98 -5.69 -11.73
C TYR A 85 -9.34 -5.84 -11.05
N LEU A 86 -9.46 -5.25 -9.86
CA LEU A 86 -10.74 -5.16 -9.18
C LEU A 86 -11.42 -3.87 -9.64
N LEU A 87 -12.54 -4.01 -10.34
CA LEU A 87 -13.34 -2.89 -10.81
C LEU A 87 -14.56 -2.77 -9.92
N VAL A 88 -14.90 -1.54 -9.54
CA VAL A 88 -15.94 -1.26 -8.56
C VAL A 88 -16.81 -0.14 -9.08
N SER A 89 -18.13 -0.31 -8.99
CA SER A 89 -19.06 0.76 -9.37
C SER A 89 -20.03 0.95 -8.22
N PRO A 90 -19.76 1.86 -7.29
CA PRO A 90 -20.64 2.04 -6.15
C PRO A 90 -22.01 2.52 -6.58
N SER A 91 -23.04 1.98 -5.94
CA SER A 91 -24.39 2.43 -6.24
C SER A 91 -24.97 3.35 -5.18
N GLU A 92 -24.54 3.25 -3.93
CA GLU A 92 -25.09 4.13 -2.91
C GLU A 92 -24.13 4.22 -1.72
N PHE A 93 -24.08 5.42 -1.12
CA PHE A 93 -23.32 5.69 0.08
C PHE A 93 -24.27 6.28 1.11
N LYS A 94 -24.08 5.94 2.38
CA LYS A 94 -24.91 6.52 3.43
C LYS A 94 -24.03 6.80 4.63
N ASP A 95 -23.98 8.06 5.06
CA ASP A 95 -23.30 8.42 6.30
C ASP A 95 -24.16 7.98 7.48
N ILE A 96 -23.68 6.97 8.20
CA ILE A 96 -24.36 6.37 9.34
C ILE A 96 -23.63 6.68 10.64
N SER A 97 -22.76 7.70 10.63
CA SER A 97 -22.01 8.07 11.82
C SER A 97 -22.98 8.53 12.90
N SER A 98 -22.88 7.95 14.09
CA SER A 98 -23.79 8.35 15.16
C SER A 98 -23.17 9.37 16.10
N SER A 101 -20.67 17.22 15.31
CA SER A 101 -20.10 16.07 16.01
C SER A 101 -18.60 16.18 16.14
N LYS A 102 -17.98 17.20 15.53
CA LYS A 102 -16.56 17.14 15.25
C LYS A 102 -15.90 18.51 15.45
N ASP A 103 -14.60 18.53 15.19
CA ASP A 103 -13.78 19.73 15.04
C ASP A 103 -13.63 20.14 13.57
N PHE A 104 -14.38 19.52 12.67
CA PHE A 104 -14.40 19.87 11.27
C PHE A 104 -15.81 20.30 10.93
N SER A 105 -15.92 21.30 10.06
CA SER A 105 -17.24 21.76 9.68
C SER A 105 -17.95 20.71 8.84
N GLU A 106 -19.26 20.91 8.68
CA GLU A 106 -20.03 20.03 7.81
C GLU A 106 -19.59 20.13 6.36
N ALA A 107 -19.08 21.30 5.94
CA ALA A 107 -18.56 21.44 4.57
C ALA A 107 -17.27 20.64 4.39
N GLN A 108 -16.33 20.76 5.33
CA GLN A 108 -15.12 19.95 5.33
C GLN A 108 -15.45 18.47 5.26
N LEU A 109 -16.38 18.02 6.08
CA LEU A 109 -16.71 16.61 6.11
C LEU A 109 -17.31 16.17 4.77
N ARG A 110 -18.14 17.03 4.17
CA ARG A 110 -18.73 16.72 2.86
C ARG A 110 -17.66 16.61 1.77
N LEU A 111 -16.66 17.49 1.82
CA LEU A 111 -15.62 17.42 0.81
C LEU A 111 -14.77 16.16 0.98
N ILE A 112 -14.40 15.84 2.23
CA ILE A 112 -13.67 14.60 2.48
C ILE A 112 -14.45 13.40 1.97
N THR A 113 -15.76 13.40 2.22
CA THR A 113 -16.62 12.32 1.76
C THR A 113 -16.64 12.23 0.23
N GLN A 114 -16.60 13.37 -0.46
CA GLN A 114 -16.56 13.34 -1.91
C GLN A 114 -15.28 12.69 -2.42
N ILE A 115 -14.14 12.98 -1.78
CA ILE A 115 -12.90 12.32 -2.18
C ILE A 115 -12.95 10.84 -1.85
N PHE A 116 -13.52 10.48 -0.68
CA PHE A 116 -13.70 9.06 -0.35
C PHE A 116 -14.52 8.35 -1.42
N LYS A 117 -15.63 8.97 -1.84
CA LYS A 117 -16.49 8.35 -2.84
C LYS A 117 -15.76 8.19 -4.17
N LEU A 118 -14.91 9.16 -4.52
CA LEU A 118 -14.13 9.04 -5.74
C LEU A 118 -13.13 7.89 -5.65
N ASP A 119 -12.43 7.76 -4.52
CA ASP A 119 -11.54 6.62 -4.33
C ASP A 119 -12.30 5.31 -4.38
N ALA A 120 -13.55 5.31 -3.91
CA ALA A 120 -14.31 4.07 -3.80
C ALA A 120 -14.56 3.43 -5.16
N GLU A 121 -14.49 4.19 -6.25
CA GLU A 121 -14.77 3.64 -7.59
C GLU A 121 -13.51 3.43 -8.41
N GLN A 122 -12.32 3.63 -7.85
CA GLN A 122 -11.09 3.45 -8.62
C GLN A 122 -10.83 1.98 -8.88
N SER A 123 -10.46 1.65 -10.11
CA SER A 123 -10.01 0.32 -10.46
C SER A 123 -8.64 0.05 -9.84
N ARG A 124 -8.44 -1.15 -9.31
CA ARG A 124 -7.18 -1.44 -8.62
C ARG A 124 -6.64 -2.82 -9.01
N ARG A 125 -5.36 -2.84 -9.39
CA ARG A 125 -4.69 -4.09 -9.69
C ARG A 125 -4.53 -4.91 -8.41
N ILE A 126 -4.76 -6.20 -8.49
CA ILE A 126 -4.73 -7.09 -7.33
C ILE A 126 -3.43 -7.87 -7.31
N ASP A 127 -2.72 -7.82 -6.18
CA ASP A 127 -1.51 -8.62 -5.99
C ASP A 127 -1.59 -9.30 -4.64
N VAL A 128 -1.12 -10.55 -4.58
CA VAL A 128 -1.13 -11.34 -3.36
C VAL A 128 0.11 -11.04 -2.55
N VAL A 129 -0.07 -10.51 -1.34
CA VAL A 129 1.09 -10.27 -0.49
C VAL A 129 1.44 -11.52 0.32
N ASN A 130 0.43 -12.19 0.86
CA ASN A 130 0.61 -13.50 1.48
C ASN A 130 -0.77 -14.16 1.56
N GLU A 131 -0.87 -15.28 2.27
CA GLU A 131 -2.09 -16.07 2.27
C GLU A 131 -3.32 -15.27 2.70
N LYS A 132 -3.13 -14.27 3.57
CA LYS A 132 -4.25 -13.51 4.12
C LYS A 132 -4.22 -12.05 3.75
N THR A 133 -3.36 -11.64 2.81
CA THR A 133 -3.14 -10.22 2.58
C THR A 133 -3.02 -9.96 1.08
N LEU A 134 -3.82 -9.01 0.59
CA LEU A 134 -3.76 -8.57 -0.78
C LEU A 134 -3.41 -7.09 -0.83
N LEU A 135 -2.76 -6.68 -1.90
CA LEU A 135 -2.46 -5.30 -2.17
C LEU A 135 -3.26 -4.89 -3.40
N LEU A 136 -4.00 -3.78 -3.28
CA LEU A 136 -4.82 -3.25 -4.36
C LEU A 136 -4.20 -1.94 -4.80
N THR A 137 -3.61 -1.91 -5.99
CA THR A 137 -2.82 -0.77 -6.46
C THR A 137 -3.52 -0.10 -7.64
N SER A 138 -3.67 1.21 -7.58
CA SER A 138 -4.23 1.97 -8.69
C SER A 138 -3.13 2.72 -9.42
N LEU A 139 -3.46 3.18 -10.64
CA LEU A 139 -2.48 3.88 -11.43
C LEU A 139 -2.07 5.21 -10.78
N ASN A 140 -3.05 5.97 -10.26
CA ASN A 140 -2.77 7.32 -9.76
C ASN A 140 -3.26 7.60 -8.34
N HIS A 141 -3.82 6.63 -7.62
CA HIS A 141 -4.39 6.90 -6.30
C HIS A 141 -3.80 6.03 -5.19
N GLY A 142 -2.69 5.35 -5.42
CA GLY A 142 -2.04 4.63 -4.34
C GLY A 142 -2.55 3.21 -4.16
N SER A 143 -2.29 2.68 -2.97
CA SER A 143 -2.57 1.29 -2.66
C SER A 143 -3.45 1.16 -1.42
N THR A 144 -4.32 0.17 -1.44
CA THR A 144 -5.13 -0.23 -0.29
C THR A 144 -4.76 -1.67 0.07
N VAL A 145 -4.68 -1.95 1.36
CA VAL A 145 -4.32 -3.27 1.82
C VAL A 145 -5.61 -3.98 2.20
N LEU A 146 -5.81 -5.17 1.67
CA LEU A 146 -6.94 -6.01 2.04
C LEU A 146 -6.39 -7.20 2.83
N PHE A 147 -6.99 -7.48 3.99
CA PHE A 147 -6.52 -8.57 4.82
C PHE A 147 -7.67 -9.23 5.57
N ARG A 148 -7.43 -10.48 5.97
CA ARG A 148 -8.38 -11.27 6.73
C ARG A 148 -7.67 -11.95 7.89
N ASN A 149 -8.49 -12.45 8.82
CA ASN A 149 -8.04 -13.10 10.05
C ASN A 149 -7.64 -14.57 9.86
N MET B 1 1.22 5.72 17.80
CA MET B 1 2.30 4.98 18.46
C MET B 1 3.52 5.91 18.62
N SER B 2 4.34 5.67 19.65
CA SER B 2 5.49 6.53 19.88
C SER B 2 6.62 6.15 18.93
N ASP B 3 7.51 7.12 18.69
CA ASP B 3 8.67 6.87 17.83
C ASP B 3 9.53 5.74 18.39
N LEU B 4 9.76 5.73 19.70
CA LEU B 4 10.58 4.66 20.28
C LEU B 4 9.85 3.32 20.25
N LYS B 5 8.52 3.33 20.42
CA LYS B 5 7.78 2.07 20.31
C LYS B 5 7.88 1.50 18.90
N VAL B 6 7.73 2.36 17.89
CA VAL B 6 7.79 1.90 16.51
C VAL B 6 9.16 1.31 16.21
N GLU B 7 10.23 1.91 16.73
CA GLU B 7 11.57 1.38 16.48
C GLU B 7 11.73 0.00 17.10
N GLN B 8 11.13 -0.21 18.27
CA GLN B 8 11.21 -1.53 18.89
C GLN B 8 10.44 -2.56 18.06
N VAL B 9 9.28 -2.18 17.53
CA VAL B 9 8.57 -3.08 16.63
C VAL B 9 9.45 -3.42 15.44
N LEU B 10 10.10 -2.42 14.85
CA LEU B 10 10.85 -2.65 13.61
C LEU B 10 12.08 -3.50 13.86
N THR B 11 12.74 -3.31 14.99
CA THR B 11 13.95 -4.10 15.24
C THR B 11 13.63 -5.47 15.81
N SER B 12 12.37 -5.78 16.12
CA SER B 12 12.07 -7.05 16.78
C SER B 12 12.14 -8.25 15.84
N ASN B 13 12.06 -8.06 14.53
CA ASN B 13 12.13 -9.18 13.60
C ASN B 13 12.52 -8.66 12.23
N GLU B 14 12.86 -9.60 11.34
CA GLU B 14 13.03 -9.23 9.95
C GLU B 14 11.66 -9.12 9.28
N TRP B 15 11.62 -8.43 8.14
CA TRP B 15 10.37 -8.11 7.47
C TRP B 15 10.47 -8.47 5.99
N GLN B 16 9.33 -8.86 5.42
CA GLN B 16 9.16 -8.97 3.98
C GLN B 16 8.36 -7.75 3.55
N SER B 17 8.68 -7.19 2.39
CA SER B 17 7.94 -6.06 1.91
C SER B 17 7.54 -6.25 0.46
N THR B 18 6.48 -5.54 0.09
CA THR B 18 5.91 -5.59 -1.24
C THR B 18 5.52 -4.19 -1.64
N MET B 19 5.92 -3.79 -2.84
CA MET B 19 5.49 -2.53 -3.44
C MET B 19 5.18 -2.80 -4.90
N VAL B 20 4.01 -2.37 -5.36
CA VAL B 20 3.60 -2.54 -6.75
C VAL B 20 3.46 -1.17 -7.36
N THR B 21 4.02 -0.99 -8.55
CA THR B 21 3.83 0.20 -9.36
C THR B 21 3.22 -0.23 -10.69
N VAL B 22 2.01 0.26 -10.94
CA VAL B 22 1.36 0.07 -12.23
C VAL B 22 1.80 1.19 -13.17
N ILE B 23 2.30 0.82 -14.33
CA ILE B 23 2.91 1.78 -15.26
C ILE B 23 2.01 2.05 -16.47
N THR B 24 1.45 1.02 -17.08
CA THR B 24 0.50 1.26 -18.15
C THR B 24 -0.92 0.98 -17.68
N GLY B 33 7.27 -4.48 -26.46
CA GLY B 33 7.26 -4.79 -25.04
C GLY B 33 7.51 -3.63 -24.10
N PRO B 34 6.54 -2.73 -23.98
CA PRO B 34 6.63 -1.68 -22.97
C PRO B 34 6.34 -2.21 -21.58
N LEU B 35 6.96 -1.59 -20.59
CA LEU B 35 6.85 -2.04 -19.20
C LEU B 35 5.46 -1.74 -18.65
N ARG B 36 4.76 -2.78 -18.19
CA ARG B 36 3.38 -2.61 -17.70
C ARG B 36 3.33 -2.41 -16.19
N ARG B 37 4.22 -3.07 -15.44
CA ARG B 37 4.18 -2.92 -14.00
C ARG B 37 5.46 -3.51 -13.41
N VAL B 38 5.82 -3.02 -12.23
CA VAL B 38 6.98 -3.50 -11.48
C VAL B 38 6.50 -3.95 -10.11
N ASN B 39 6.95 -5.13 -9.68
CA ASN B 39 6.73 -5.63 -8.34
C ASN B 39 8.06 -5.66 -7.62
N VAL B 40 8.17 -4.91 -6.53
CA VAL B 40 9.36 -4.95 -5.69
C VAL B 40 9.05 -5.75 -4.42
N GLU B 41 9.73 -6.87 -4.24
CA GLU B 41 9.63 -7.69 -3.04
C GLU B 41 10.99 -7.69 -2.35
N SER B 42 11.03 -7.33 -1.08
CA SER B 42 12.29 -7.16 -0.36
C SER B 42 12.24 -7.93 0.94
N ASN B 43 13.43 -8.24 1.46
CA ASN B 43 13.62 -8.67 2.83
C ASN B 43 14.47 -7.61 3.50
N VAL B 44 14.03 -7.11 4.66
CA VAL B 44 14.75 -5.99 5.27
C VAL B 44 14.93 -6.27 6.74
N LYS B 45 16.11 -5.89 7.25
CA LYS B 45 16.43 -6.03 8.65
C LYS B 45 16.83 -4.65 9.17
N TYR B 46 16.06 -4.12 10.11
CA TYR B 46 16.39 -2.87 10.77
C TYR B 46 17.14 -3.24 12.04
N LEU B 47 18.37 -2.88 12.09
CA LEU B 47 19.23 -3.29 13.19
C LEU B 47 19.17 -2.26 14.30
N PRO B 48 19.28 -2.69 15.55
CA PRO B 48 19.10 -1.76 16.68
C PRO B 48 20.17 -0.69 16.75
N ASN B 49 21.32 -0.86 16.11
CA ASN B 49 22.33 0.18 16.06
C ASN B 49 22.08 1.24 14.99
N GLY B 50 20.90 1.26 14.36
CA GLY B 50 20.64 2.24 13.33
C GLY B 50 21.11 1.86 11.93
N ASP B 51 21.69 0.69 11.73
CA ASP B 51 21.98 0.19 10.39
C ASP B 51 20.80 -0.63 9.90
N TYR B 52 20.68 -0.74 8.58
CA TYR B 52 19.72 -1.67 8.00
C TYR B 52 20.36 -2.38 6.81
N ILE B 53 19.83 -3.58 6.53
CA ILE B 53 20.21 -4.40 5.39
C ILE B 53 18.93 -4.75 4.64
N ARG B 54 18.96 -4.60 3.32
CA ARG B 54 17.76 -4.83 2.51
C ARG B 54 18.16 -5.45 1.18
N VAL B 55 17.52 -6.58 0.83
CA VAL B 55 17.76 -7.26 -0.43
C VAL B 55 16.45 -7.29 -1.20
N SER B 56 16.45 -6.73 -2.40
CA SER B 56 15.22 -6.51 -3.15
C SER B 56 15.24 -7.29 -4.45
N ASN B 57 14.11 -7.92 -4.77
CA ASN B 57 13.88 -8.50 -6.08
C ASN B 57 12.94 -7.55 -6.80
N ILE B 58 13.46 -6.89 -7.82
CA ILE B 58 12.69 -5.99 -8.66
C ILE B 58 12.20 -6.79 -9.86
N LYS B 59 10.90 -7.09 -9.87
CA LYS B 59 10.30 -7.95 -10.88
C LYS B 59 9.62 -7.10 -11.94
N LEU B 60 9.98 -7.33 -13.21
CA LEU B 60 9.54 -6.50 -14.32
C LEU B 60 8.61 -7.28 -15.23
N PHE B 61 7.46 -6.69 -15.55
CA PHE B 61 6.47 -7.33 -16.42
C PHE B 61 6.29 -6.44 -17.64
N ALA B 62 6.77 -6.93 -18.78
CA ALA B 62 6.62 -6.26 -20.06
C ALA B 62 5.58 -6.97 -20.92
N GLN B 63 4.76 -6.19 -21.59
CA GLN B 63 3.74 -6.74 -22.47
C GLN B 63 4.38 -7.54 -23.60
N ALA B 67 7.83 -14.61 -19.80
CA ALA B 67 8.94 -14.83 -18.90
C ALA B 67 9.31 -13.49 -18.26
N GLU B 68 9.02 -13.39 -16.96
CA GLU B 68 9.33 -12.22 -16.14
C GLU B 68 10.84 -12.05 -15.96
N SER B 69 11.26 -10.79 -15.88
CA SER B 69 12.67 -10.46 -15.69
C SER B 69 12.83 -9.89 -14.28
N THR B 70 13.99 -10.13 -13.68
CA THR B 70 14.19 -9.82 -12.27
C THR B 70 15.57 -9.19 -12.05
N ILE B 71 15.57 -8.08 -11.33
CA ILE B 71 16.80 -7.41 -10.89
C ILE B 71 16.91 -7.63 -9.39
N ASN B 72 18.05 -8.14 -8.96
CA ASN B 72 18.32 -8.35 -7.54
C ASN B 72 19.30 -7.30 -7.06
N ILE B 73 18.95 -6.59 -6.00
CA ILE B 73 19.77 -5.49 -5.49
C ILE B 73 19.96 -5.66 -3.99
N SER B 74 21.22 -5.57 -3.55
CA SER B 74 21.59 -5.57 -2.16
C SER B 74 21.89 -4.15 -1.72
N GLU B 75 21.41 -3.79 -0.54
CA GLU B 75 21.36 -2.41 -0.12
C GLU B 75 21.72 -2.32 1.36
N LYS B 76 22.47 -1.29 1.73
CA LYS B 76 22.77 -1.02 3.13
C LYS B 76 22.63 0.47 3.38
N GLY B 77 22.33 0.82 4.62
CA GLY B 77 22.27 2.23 5.00
C GLY B 77 21.90 2.39 6.45
N ARG B 78 21.39 3.59 6.76
CA ARG B 78 20.98 3.99 8.10
C ARG B 78 19.49 4.31 8.11
N TRP B 79 18.85 4.09 9.25
CA TRP B 79 17.43 4.33 9.38
C TRP B 79 17.12 4.89 10.76
N GLU B 80 15.97 5.54 10.87
CA GLU B 80 15.48 5.99 12.16
C GLU B 80 13.99 6.27 12.00
N VAL B 81 13.29 6.35 13.13
CA VAL B 81 11.89 6.76 13.14
C VAL B 81 11.79 8.15 13.77
N SER B 82 11.12 9.08 13.08
CA SER B 82 10.94 10.44 13.57
C SER B 82 9.55 10.93 13.22
N ASP B 83 8.77 11.28 14.25
CA ASP B 83 7.38 11.74 14.07
C ASP B 83 6.57 10.69 13.31
N ASN B 84 6.77 9.42 13.66
CA ASN B 84 6.13 8.28 13.03
C ASN B 84 6.46 8.14 11.55
N TYR B 85 7.55 8.76 11.08
CA TYR B 85 8.06 8.52 9.74
C TYR B 85 9.29 7.65 9.83
N LEU B 86 9.39 6.70 8.92
CA LEU B 86 10.62 5.93 8.77
C LEU B 86 11.53 6.70 7.82
N LEU B 87 12.67 7.16 8.32
CA LEU B 87 13.64 7.88 7.52
C LEU B 87 14.78 6.94 7.18
N VAL B 88 15.19 6.95 5.93
CA VAL B 88 16.15 5.97 5.44
C VAL B 88 17.20 6.72 4.62
N SER B 89 18.46 6.40 4.87
CA SER B 89 19.57 7.01 4.12
C SER B 89 20.46 5.88 3.62
N PRO B 90 20.22 5.41 2.40
CA PRO B 90 21.03 4.32 1.86
C PRO B 90 22.48 4.75 1.70
N SER B 91 23.39 3.89 2.09
CA SER B 91 24.80 4.17 1.89
C SER B 91 25.40 3.41 0.72
N GLU B 92 24.81 2.30 0.29
CA GLU B 92 25.34 1.59 -0.87
C GLU B 92 24.29 0.67 -1.48
N PHE B 93 24.37 0.54 -2.81
CA PHE B 93 23.55 -0.39 -3.59
C PHE B 93 24.47 -1.26 -4.43
N LYS B 94 24.10 -2.53 -4.55
CA LYS B 94 24.83 -3.42 -5.44
C LYS B 94 23.87 -4.33 -6.18
N ASP B 95 23.97 -4.32 -7.51
CA ASP B 95 23.23 -5.26 -8.36
C ASP B 95 23.91 -6.62 -8.26
N ILE B 96 23.23 -7.58 -7.64
CA ILE B 96 23.77 -8.92 -7.44
C ILE B 96 23.03 -9.95 -8.28
N SER B 97 22.33 -9.52 -9.33
CA SER B 97 21.62 -10.50 -10.16
C SER B 97 22.63 -11.39 -10.87
N SER B 98 22.50 -12.70 -10.68
CA SER B 98 23.18 -13.69 -11.51
C SER B 98 22.18 -14.33 -12.47
N SER B 99 21.11 -13.60 -12.77
CA SER B 99 19.98 -14.10 -13.57
C SER B 99 20.31 -14.13 -15.06
N SER B 101 16.95 -9.97 -18.11
CA SER B 101 18.32 -9.67 -18.51
C SER B 101 18.41 -9.55 -20.04
N LYS B 102 17.39 -10.05 -20.73
CA LYS B 102 17.37 -10.03 -22.18
C LYS B 102 16.09 -9.51 -22.82
N ASP B 103 15.04 -9.20 -22.06
CA ASP B 103 13.98 -8.43 -22.67
C ASP B 103 14.14 -6.94 -22.44
N PHE B 104 15.15 -6.53 -21.66
CA PHE B 104 15.40 -5.12 -21.42
C PHE B 104 16.86 -4.81 -21.71
N SER B 105 17.11 -3.65 -22.31
CA SER B 105 18.48 -3.23 -22.53
C SER B 105 19.13 -2.81 -21.21
N GLU B 106 20.45 -2.68 -21.25
CA GLU B 106 21.16 -2.19 -20.07
C GLU B 106 20.75 -0.76 -19.71
N ALA B 107 20.37 0.04 -20.71
CA ALA B 107 19.92 1.40 -20.43
C ALA B 107 18.58 1.38 -19.71
N GLN B 108 17.63 0.56 -20.20
CA GLN B 108 16.35 0.40 -19.54
C GLN B 108 16.52 -0.02 -18.09
N LEU B 109 17.38 -1.01 -17.84
CA LEU B 109 17.60 -1.51 -16.48
C LEU B 109 18.24 -0.46 -15.59
N ARG B 110 19.20 0.31 -16.10
CA ARG B 110 19.78 1.36 -15.28
C ARG B 110 18.72 2.38 -14.87
N LEU B 111 17.81 2.70 -15.79
CA LEU B 111 16.77 3.67 -15.47
C LEU B 111 15.81 3.13 -14.42
N ILE B 112 15.41 1.86 -14.53
CA ILE B 112 14.57 1.25 -13.50
C ILE B 112 15.30 1.27 -12.16
N THR B 113 16.60 0.98 -12.18
CA THR B 113 17.39 0.99 -10.96
C THR B 113 17.47 2.39 -10.35
N GLN B 114 17.53 3.44 -11.18
CA GLN B 114 17.55 4.79 -10.61
C GLN B 114 16.26 5.10 -9.88
N ILE B 115 15.13 4.67 -10.44
CA ILE B 115 13.86 4.95 -9.78
C ILE B 115 13.73 4.15 -8.48
N PHE B 116 14.21 2.91 -8.49
CA PHE B 116 14.26 2.11 -7.27
C PHE B 116 15.08 2.80 -6.18
N LYS B 117 16.27 3.30 -6.55
CA LYS B 117 17.12 3.96 -5.57
C LYS B 117 16.47 5.24 -5.05
N LEU B 118 15.76 5.97 -5.93
CA LEU B 118 15.04 7.15 -5.47
C LEU B 118 13.97 6.77 -4.46
N ASP B 119 13.21 5.72 -4.75
CA ASP B 119 12.20 5.23 -3.80
C ASP B 119 12.85 4.77 -2.51
N ALA B 120 14.03 4.16 -2.60
CA ALA B 120 14.66 3.55 -1.43
C ALA B 120 14.97 4.57 -0.34
N GLU B 121 15.11 5.85 -0.70
CA GLU B 121 15.44 6.86 0.29
C GLU B 121 14.25 7.71 0.70
N GLN B 122 13.05 7.38 0.24
CA GLN B 122 11.88 8.18 0.57
C GLN B 122 11.47 7.97 2.03
N SER B 123 11.15 9.07 2.72
CA SER B 123 10.57 8.98 4.04
C SER B 123 9.14 8.48 3.93
N ARG B 124 8.75 7.55 4.81
CA ARG B 124 7.43 6.94 4.74
C ARG B 124 6.78 6.87 6.11
N ARG B 125 5.56 7.38 6.18
CA ARG B 125 4.77 7.29 7.39
C ARG B 125 4.37 5.85 7.68
N ILE B 126 4.45 5.46 8.95
CA ILE B 126 4.23 4.09 9.39
C ILE B 126 2.86 3.98 10.03
N ASP B 127 2.07 3.01 9.58
CA ASP B 127 0.78 2.71 10.18
C ASP B 127 0.66 1.21 10.41
N VAL B 128 0.03 0.83 11.52
CA VAL B 128 -0.19 -0.57 11.86
C VAL B 128 -1.44 -1.06 11.14
N VAL B 129 -1.28 -2.09 10.31
CA VAL B 129 -2.43 -2.71 9.68
C VAL B 129 -3.02 -3.79 10.58
N ASN B 130 -2.18 -4.64 11.14
CA ASN B 130 -2.60 -5.63 12.13
C ASN B 130 -1.35 -6.09 12.86
N GLU B 131 -1.50 -7.14 13.68
CA GLU B 131 -0.40 -7.58 14.53
C GLU B 131 0.86 -7.91 13.73
N LYS B 132 0.71 -8.34 12.47
CA LYS B 132 1.87 -8.80 11.70
C LYS B 132 2.16 -7.93 10.48
N THR B 133 1.50 -6.78 10.34
CA THR B 133 1.50 -6.07 9.07
C THR B 133 1.56 -4.57 9.30
N LEU B 134 2.51 -3.92 8.61
CA LEU B 134 2.66 -2.47 8.62
C LEU B 134 2.49 -1.91 7.21
N LEU B 135 2.00 -0.68 7.15
CA LEU B 135 1.87 0.07 5.90
C LEU B 135 2.77 1.29 5.96
N LEU B 136 3.58 1.50 4.90
CA LEU B 136 4.52 2.63 4.79
C LEU B 136 4.07 3.55 3.67
N THR B 137 3.61 4.75 4.02
CA THR B 137 2.96 5.65 3.07
C THR B 137 3.75 6.94 2.88
N SER B 138 4.01 7.30 1.62
CA SER B 138 4.66 8.56 1.29
C SER B 138 3.68 9.57 0.71
N LEU B 139 4.10 10.84 0.69
CA LEU B 139 3.22 11.89 0.20
C LEU B 139 2.93 11.74 -1.30
N ASN B 140 3.96 11.43 -2.10
CA ASN B 140 3.83 11.38 -3.56
C ASN B 140 4.37 10.10 -4.19
N HIS B 141 4.79 9.11 -3.41
CA HIS B 141 5.42 7.93 -3.99
C HIS B 141 4.71 6.63 -3.63
N GLY B 142 3.49 6.70 -3.09
CA GLY B 142 2.69 5.48 -2.86
C GLY B 142 2.92 4.81 -1.51
N SER B 143 2.54 3.54 -1.44
CA SER B 143 2.60 2.75 -0.22
C SER B 143 3.37 1.45 -0.45
N THR B 144 4.09 1.03 0.59
CA THR B 144 4.78 -0.26 0.66
C THR B 144 4.26 -1.00 1.87
N VAL B 145 4.04 -2.32 1.74
CA VAL B 145 3.56 -3.16 2.83
C VAL B 145 4.68 -4.02 3.36
N LEU B 146 4.85 -4.03 4.69
CA LEU B 146 5.80 -4.88 5.39
C LEU B 146 5.04 -5.90 6.22
N PHE B 147 5.49 -7.18 6.20
CA PHE B 147 4.88 -8.15 7.09
C PHE B 147 5.94 -9.07 7.68
N ARG B 148 5.62 -9.67 8.81
CA ARG B 148 6.55 -10.56 9.51
C ARG B 148 5.85 -11.87 9.82
N ASN B 149 6.65 -12.88 10.19
CA ASN B 149 6.12 -14.15 10.69
C ASN B 149 5.80 -14.08 12.17
#